data_1NBB
#
_entry.id   1NBB
#
_cell.length_a   47.734
_cell.length_b   70.535
_cell.length_c   89.652
_cell.angle_alpha   90.00
_cell.angle_beta   87.02
_cell.angle_gamma   90.00
#
_symmetry.space_group_name_H-M   'I 1 2 1'
#
loop_
_entity.id
_entity.type
_entity.pdbx_description
1 polymer "CYTOCHROME C'"
2 non-polymer 'PROTOPORPHYRIN IX CONTAINING FE'
3 non-polymer 'N-BUTYL ISOCYANIDE'
4 water water
#
_entity_poly.entity_id   1
_entity_poly.type   'polypeptide(L)'
_entity_poly.pdbx_seq_one_letter_code
;ADTKEVLEAREAYFKSLGGSMKAMTGVAKAFDAEAAKVEAAKLEKILATDVAPLFPAGTSSTDLPGQTEAKAAIWANMDD
FGAKGKAMHEAGGAVIAAANAGDGAAFGAALQKLGGTCKACHDDYREED
;
_entity_poly.pdbx_strand_id   A,B
#
loop_
_chem_comp.id
_chem_comp.type
_chem_comp.name
_chem_comp.formula
HEM non-polymer 'PROTOPORPHYRIN IX CONTAINING FE' 'C34 H32 Fe N4 O4'
NBN non-polymer 'N-BUTYL ISOCYANIDE' 'C5 H9 N'
#
# COMPACT_ATOMS: atom_id res chain seq x y z
N ALA A 1 -10.75 15.04 20.47
CA ALA A 1 -9.96 16.26 20.78
C ALA A 1 -10.44 17.37 19.83
N ASP A 2 -9.60 18.37 19.60
CA ASP A 2 -9.94 19.47 18.70
C ASP A 2 -10.42 18.91 17.36
N THR A 3 -11.66 19.25 17.03
CA THR A 3 -12.30 18.80 15.80
C THR A 3 -11.38 18.88 14.59
N LYS A 4 -10.68 20.00 14.44
CA LYS A 4 -9.76 20.20 13.31
C LYS A 4 -8.81 19.01 13.11
N GLU A 5 -8.39 18.37 14.21
CA GLU A 5 -7.51 17.23 14.06
C GLU A 5 -8.30 15.94 13.99
N VAL A 6 -9.48 15.87 14.63
CA VAL A 6 -10.27 14.63 14.56
C VAL A 6 -10.66 14.45 13.10
N LEU A 7 -11.01 15.55 12.45
CA LEU A 7 -11.36 15.50 11.05
C LEU A 7 -10.12 15.09 10.30
N GLU A 8 -9.01 15.75 10.62
CA GLU A 8 -7.70 15.49 10.01
C GLU A 8 -7.34 14.00 10.11
N ALA A 9 -7.51 13.43 11.29
CA ALA A 9 -7.20 12.04 11.53
C ALA A 9 -8.15 11.14 10.78
N ARG A 10 -9.46 11.39 10.90
CA ARG A 10 -10.40 10.50 10.22
C ARG A 10 -10.38 10.57 8.69
N GLU A 11 -9.88 11.66 8.14
CA GLU A 11 -9.76 11.77 6.70
C GLU A 11 -8.57 10.91 6.25
N ALA A 12 -7.53 10.88 7.08
CA ALA A 12 -6.35 10.09 6.77
C ALA A 12 -6.67 8.60 6.86
N TYR A 13 -7.52 8.24 7.83
CA TYR A 13 -7.92 6.87 8.00
C TYR A 13 -8.67 6.36 6.77
N PHE A 14 -9.65 7.13 6.29
CA PHE A 14 -10.41 6.71 5.12
C PHE A 14 -9.70 6.78 3.79
N LYS A 15 -8.80 7.74 3.62
CA LYS A 15 -8.02 7.84 2.37
C LYS A 15 -7.12 6.61 2.34
N SER A 16 -6.70 6.19 3.53
CA SER A 16 -5.85 5.03 3.67
C SER A 16 -6.63 3.78 3.27
N LEU A 17 -7.84 3.61 3.83
CA LEU A 17 -8.69 2.47 3.52
C LEU A 17 -9.00 2.49 2.04
N GLY A 18 -9.56 3.59 1.58
CA GLY A 18 -9.90 3.71 0.18
C GLY A 18 -8.78 3.25 -0.71
N GLY A 19 -7.55 3.68 -0.43
CA GLY A 19 -6.42 3.28 -1.27
C GLY A 19 -6.14 1.79 -1.27
N SER A 20 -6.22 1.19 -0.09
CA SER A 20 -5.99 -0.22 0.13
C SER A 20 -7.03 -1.02 -0.63
N MET A 21 -8.30 -0.65 -0.49
CA MET A 21 -9.37 -1.33 -1.20
C MET A 21 -9.12 -1.29 -2.69
N LYS A 22 -8.75 -0.12 -3.20
CA LYS A 22 -8.51 0.03 -4.62
C LYS A 22 -7.37 -0.87 -5.07
N ALA A 23 -6.30 -0.92 -4.28
CA ALA A 23 -5.17 -1.76 -4.65
C ALA A 23 -5.48 -3.27 -4.60
N MET A 24 -6.12 -3.72 -3.53
CA MET A 24 -6.45 -5.13 -3.37
C MET A 24 -7.41 -5.63 -4.41
N THR A 25 -8.24 -4.73 -4.95
CA THR A 25 -9.20 -5.07 -5.98
C THR A 25 -8.50 -5.39 -7.30
N GLY A 26 -7.43 -4.66 -7.60
CA GLY A 26 -6.71 -4.89 -8.83
C GLY A 26 -5.89 -6.15 -8.71
N VAL A 27 -5.46 -6.43 -7.49
CA VAL A 27 -4.65 -7.62 -7.19
C VAL A 27 -5.56 -8.84 -7.29
N ALA A 28 -6.78 -8.70 -6.79
CA ALA A 28 -7.73 -9.80 -6.85
C ALA A 28 -8.05 -10.06 -8.32
N LYS A 29 -8.01 -9.01 -9.16
CA LYS A 29 -8.28 -9.22 -10.58
C LYS A 29 -7.17 -10.05 -11.20
N ALA A 30 -5.95 -9.86 -10.72
CA ALA A 30 -4.79 -10.57 -11.25
C ALA A 30 -3.95 -11.06 -10.09
N PHE A 31 -4.49 -12.00 -9.33
CA PHE A 31 -3.79 -12.51 -8.15
C PHE A 31 -2.34 -12.90 -8.30
N ASP A 32 -1.58 -12.45 -7.32
CA ASP A 32 -0.16 -12.69 -7.20
C ASP A 32 0.00 -12.69 -5.70
N ALA A 33 0.37 -13.85 -5.15
CA ALA A 33 0.53 -14.01 -3.70
C ALA A 33 1.41 -12.97 -2.98
N GLU A 34 2.47 -12.52 -3.65
CA GLU A 34 3.42 -11.59 -3.07
C GLU A 34 2.88 -10.19 -2.91
N ALA A 35 2.19 -9.69 -3.93
CA ALA A 35 1.60 -8.35 -3.89
C ALA A 35 0.41 -8.32 -2.94
N ALA A 36 -0.27 -9.45 -2.78
CA ALA A 36 -1.41 -9.57 -1.87
C ALA A 36 -0.92 -9.45 -0.43
N LYS A 37 0.23 -10.05 -0.13
CA LYS A 37 0.82 -9.95 1.21
C LYS A 37 1.33 -8.54 1.51
N VAL A 38 1.89 -7.86 0.51
CA VAL A 38 2.34 -6.50 0.75
C VAL A 38 1.11 -5.65 1.03
N GLU A 39 0.04 -5.86 0.27
CA GLU A 39 -1.21 -5.12 0.49
C GLU A 39 -1.83 -5.49 1.84
N ALA A 40 -1.72 -6.76 2.20
CA ALA A 40 -2.25 -7.24 3.47
C ALA A 40 -1.43 -6.67 4.63
N ALA A 41 -0.14 -6.39 4.41
CA ALA A 41 0.71 -5.83 5.46
C ALA A 41 0.29 -4.38 5.77
N LYS A 42 -0.04 -3.65 4.71
CA LYS A 42 -0.50 -2.28 4.82
C LYS A 42 -1.90 -2.23 5.49
N LEU A 43 -2.85 -3.03 5.01
CA LEU A 43 -4.20 -3.06 5.58
C LEU A 43 -4.15 -3.42 7.07
N GLU A 44 -3.27 -4.35 7.45
CA GLU A 44 -3.16 -4.71 8.85
C GLU A 44 -2.79 -3.49 9.71
N LYS A 45 -1.89 -2.67 9.20
CA LYS A 45 -1.44 -1.46 9.90
C LYS A 45 -2.63 -0.50 10.09
N ILE A 46 -3.37 -0.28 9.01
CA ILE A 46 -4.52 0.61 9.03
C ILE A 46 -5.57 0.20 10.07
N LEU A 47 -5.86 -1.08 10.15
CA LEU A 47 -6.88 -1.58 11.08
C LEU A 47 -6.51 -1.48 12.54
N ALA A 48 -5.25 -1.15 12.82
CA ALA A 48 -4.79 -1.01 14.20
C ALA A 48 -5.31 0.29 14.79
N THR A 49 -5.88 1.13 13.94
CA THR A 49 -6.42 2.42 14.32
C THR A 49 -7.77 2.36 15.02
N ASP A 50 -7.86 3.05 16.14
CA ASP A 50 -9.10 3.09 16.91
C ASP A 50 -9.97 4.20 16.33
N VAL A 51 -11.10 3.83 15.74
CA VAL A 51 -11.99 4.84 15.19
C VAL A 51 -12.88 5.47 16.24
N ALA A 52 -12.88 4.88 17.44
CA ALA A 52 -13.71 5.36 18.53
C ALA A 52 -13.55 6.87 18.78
N PRO A 53 -12.35 7.32 19.15
CA PRO A 53 -12.20 8.76 19.38
C PRO A 53 -12.26 9.60 18.10
N LEU A 54 -12.60 8.98 16.97
CA LEU A 54 -12.68 9.68 15.68
C LEU A 54 -14.03 10.32 15.38
N PHE A 55 -15.05 9.93 16.12
CA PHE A 55 -16.39 10.48 15.88
C PHE A 55 -17.00 11.11 17.13
N PRO A 56 -16.30 12.09 17.72
CA PRO A 56 -16.86 12.72 18.92
C PRO A 56 -18.08 13.52 18.47
N ALA A 57 -19.06 13.64 19.37
CA ALA A 57 -20.29 14.35 19.07
C ALA A 57 -20.00 15.77 18.62
N GLY A 58 -20.70 16.21 17.59
CA GLY A 58 -20.53 17.56 17.12
C GLY A 58 -19.61 17.71 15.93
N THR A 59 -19.44 16.64 15.15
CA THR A 59 -18.58 16.66 13.97
C THR A 59 -19.29 16.15 12.73
N SER A 60 -20.60 16.30 12.68
CA SER A 60 -21.37 15.86 11.52
C SER A 60 -21.35 16.91 10.42
N SER A 61 -21.83 16.54 9.25
CA SER A 61 -21.91 17.46 8.14
C SER A 61 -22.83 18.64 8.48
N THR A 62 -23.68 18.47 9.48
CA THR A 62 -24.58 19.55 9.84
C THR A 62 -23.92 20.51 10.83
N ASP A 63 -22.92 20.03 11.53
CA ASP A 63 -22.15 20.84 12.47
C ASP A 63 -21.00 21.55 11.75
N LEU A 64 -20.35 20.82 10.85
CA LEU A 64 -19.23 21.33 10.07
C LEU A 64 -19.54 21.26 8.58
N PRO A 65 -20.61 21.92 8.12
CA PRO A 65 -20.99 21.88 6.70
C PRO A 65 -19.84 22.00 5.69
N GLY A 66 -19.71 20.98 4.85
CA GLY A 66 -18.68 20.96 3.83
C GLY A 66 -17.30 20.50 4.28
N GLN A 67 -17.13 20.27 5.58
CA GLN A 67 -15.85 19.81 6.10
C GLN A 67 -15.81 18.31 6.38
N THR A 68 -16.98 17.66 6.39
CA THR A 68 -17.10 16.24 6.67
C THR A 68 -18.39 15.73 6.06
N GLU A 69 -18.47 14.42 5.86
CA GLU A 69 -19.64 13.76 5.30
C GLU A 69 -20.32 12.91 6.38
N ALA A 70 -19.77 12.95 7.59
CA ALA A 70 -20.30 12.19 8.69
C ALA A 70 -21.73 12.59 8.98
N LYS A 71 -22.63 11.64 8.84
CA LYS A 71 -24.05 11.88 9.12
C LYS A 71 -24.29 11.97 10.62
N ALA A 72 -25.00 13.01 11.04
CA ALA A 72 -25.35 13.23 12.44
C ALA A 72 -26.09 12.02 13.02
N ALA A 73 -26.60 11.16 12.13
CA ALA A 73 -27.32 9.94 12.49
C ALA A 73 -26.44 8.97 13.26
N ILE A 74 -25.13 9.07 13.04
CA ILE A 74 -24.12 8.25 13.70
C ILE A 74 -24.32 8.40 15.20
N TRP A 75 -24.49 9.65 15.62
CA TRP A 75 -24.65 9.97 17.02
C TRP A 75 -25.96 9.55 17.71
N ALA A 76 -26.85 8.95 16.92
CA ALA A 76 -28.11 8.43 17.40
C ALA A 76 -28.08 6.92 17.28
N ASN A 77 -27.03 6.39 16.65
CA ASN A 77 -26.88 4.95 16.44
C ASN A 77 -25.44 4.49 16.69
N MET A 78 -24.79 5.04 17.71
CA MET A 78 -23.40 4.67 18.01
C MET A 78 -23.13 3.17 18.19
N ASP A 79 -24.12 2.43 18.70
CA ASP A 79 -23.96 0.98 18.90
C ASP A 79 -23.94 0.24 17.57
N ASP A 80 -24.76 0.69 16.62
CA ASP A 80 -24.83 0.07 15.31
C ASP A 80 -23.60 0.46 14.51
N PHE A 81 -23.17 1.70 14.71
CA PHE A 81 -22.01 2.26 14.05
C PHE A 81 -20.78 1.46 14.52
N GLY A 82 -20.68 1.17 15.81
CA GLY A 82 -19.57 0.39 16.32
C GLY A 82 -19.55 -1.02 15.74
N ALA A 83 -20.72 -1.64 15.68
CA ALA A 83 -20.89 -2.99 15.14
C ALA A 83 -20.41 -3.06 13.69
N LYS A 84 -20.80 -2.08 12.88
CA LYS A 84 -20.40 -2.02 11.47
C LYS A 84 -18.92 -1.74 11.41
N GLY A 85 -18.44 -1.06 12.44
CA GLY A 85 -17.01 -0.80 12.56
C GLY A 85 -16.31 -2.11 12.91
N LYS A 86 -16.89 -2.92 13.78
CA LYS A 86 -16.27 -4.20 14.16
C LYS A 86 -16.37 -5.20 13.02
N ALA A 87 -17.52 -5.21 12.35
CA ALA A 87 -17.76 -6.09 11.24
C ALA A 87 -16.67 -5.88 10.18
N MET A 88 -16.20 -4.65 10.05
CA MET A 88 -15.17 -4.37 9.07
C MET A 88 -13.84 -4.91 9.53
N HIS A 89 -13.53 -4.73 10.80
CA HIS A 89 -12.26 -5.21 11.31
C HIS A 89 -12.13 -6.72 11.15
N GLU A 90 -13.24 -7.44 11.19
CA GLU A 90 -13.23 -8.88 11.04
C GLU A 90 -13.07 -9.35 9.61
N ALA A 91 -13.77 -8.71 8.68
CA ALA A 91 -13.65 -9.06 7.26
C ALA A 91 -12.19 -8.83 6.83
N GLY A 92 -11.58 -7.77 7.34
CA GLY A 92 -10.22 -7.47 6.99
C GLY A 92 -9.25 -8.51 7.48
N GLY A 93 -9.52 -9.11 8.64
CA GLY A 93 -8.66 -10.15 9.16
C GLY A 93 -8.73 -11.34 8.20
N ALA A 94 -9.94 -11.58 7.68
CA ALA A 94 -10.13 -12.68 6.75
C ALA A 94 -9.34 -12.48 5.48
N VAL A 95 -9.30 -11.23 5.01
CA VAL A 95 -8.56 -10.87 3.81
C VAL A 95 -7.06 -11.05 4.02
N ILE A 96 -6.59 -10.63 5.18
CA ILE A 96 -5.18 -10.71 5.53
C ILE A 96 -4.73 -12.17 5.57
N ALA A 97 -5.59 -13.00 6.17
CA ALA A 97 -5.34 -14.44 6.33
C ALA A 97 -5.25 -15.12 4.98
N ALA A 98 -6.21 -14.81 4.10
CA ALA A 98 -6.26 -15.37 2.76
C ALA A 98 -5.04 -14.98 1.92
N ALA A 99 -4.58 -13.74 2.12
CA ALA A 99 -3.41 -13.23 1.42
C ALA A 99 -2.20 -14.03 1.84
N ASN A 100 -2.10 -14.22 3.16
CA ASN A 100 -0.99 -14.94 3.74
C ASN A 100 -1.02 -16.45 3.52
N ALA A 101 -2.20 -16.98 3.18
CA ALA A 101 -2.36 -18.39 2.86
C ALA A 101 -2.02 -18.55 1.37
N GLY A 102 -1.95 -17.44 0.66
CA GLY A 102 -1.62 -17.46 -0.76
C GLY A 102 -2.76 -18.01 -1.55
N ASP A 103 -3.95 -17.87 -0.98
CA ASP A 103 -5.17 -18.39 -1.58
C ASP A 103 -5.94 -17.35 -2.38
N GLY A 104 -5.62 -17.27 -3.67
CA GLY A 104 -6.25 -16.32 -4.57
C GLY A 104 -7.76 -16.37 -4.62
N ALA A 105 -8.32 -17.54 -4.38
CA ALA A 105 -9.77 -17.72 -4.40
C ALA A 105 -10.35 -17.29 -3.06
N ALA A 106 -9.68 -17.65 -1.96
CA ALA A 106 -10.16 -17.25 -0.65
C ALA A 106 -10.08 -15.72 -0.56
N PHE A 107 -8.96 -15.18 -1.01
CA PHE A 107 -8.71 -13.75 -0.99
C PHE A 107 -9.79 -13.01 -1.80
N GLY A 108 -10.19 -13.55 -2.95
CA GLY A 108 -11.20 -12.88 -3.76
C GLY A 108 -12.56 -12.88 -3.07
N ALA A 109 -12.83 -13.94 -2.33
CA ALA A 109 -14.09 -14.07 -1.61
C ALA A 109 -14.12 -13.13 -0.42
N ALA A 110 -13.02 -13.09 0.32
CA ALA A 110 -12.90 -12.22 1.51
C ALA A 110 -13.00 -10.74 1.15
N LEU A 111 -12.42 -10.37 0.00
CA LEU A 111 -12.46 -9.00 -0.47
C LEU A 111 -13.90 -8.52 -0.70
N GLN A 112 -14.75 -9.40 -1.22
CA GLN A 112 -16.16 -9.10 -1.48
C GLN A 112 -16.85 -8.83 -0.15
N LYS A 113 -16.60 -9.70 0.81
CA LYS A 113 -17.17 -9.59 2.14
C LYS A 113 -16.76 -8.24 2.73
N LEU A 114 -15.47 -7.88 2.60
CA LEU A 114 -14.96 -6.62 3.13
C LEU A 114 -15.65 -5.43 2.46
N GLY A 115 -15.70 -5.44 1.13
CA GLY A 115 -16.34 -4.37 0.41
C GLY A 115 -17.77 -4.21 0.87
N GLY A 116 -18.42 -5.34 1.18
CA GLY A 116 -19.77 -5.31 1.68
C GLY A 116 -19.87 -4.51 2.96
N THR A 117 -18.89 -4.62 3.85
CA THR A 117 -18.93 -3.86 5.10
C THR A 117 -18.73 -2.35 4.91
N CYS A 118 -17.97 -1.96 3.90
CA CYS A 118 -17.75 -0.52 3.65
C CYS A 118 -19.09 0.09 3.28
N LYS A 119 -19.76 -0.57 2.33
CA LYS A 119 -21.07 -0.16 1.84
C LYS A 119 -22.19 -0.13 2.91
N ALA A 120 -22.21 -1.12 3.80
CA ALA A 120 -23.19 -1.20 4.87
C ALA A 120 -23.19 0.02 5.78
N CYS A 121 -22.00 0.49 6.13
CA CYS A 121 -21.88 1.64 6.99
C CYS A 121 -22.12 2.90 6.19
N HIS A 122 -21.46 3.02 5.05
CA HIS A 122 -21.66 4.22 4.22
C HIS A 122 -23.12 4.43 3.91
N ASP A 123 -23.82 3.32 3.65
CA ASP A 123 -25.22 3.36 3.31
C ASP A 123 -26.04 4.12 4.33
N ASP A 124 -25.81 3.86 5.61
CA ASP A 124 -26.57 4.53 6.65
C ASP A 124 -25.95 5.77 7.24
N TYR A 125 -24.61 5.91 7.17
CA TYR A 125 -23.95 7.03 7.82
C TYR A 125 -23.05 8.06 7.10
N ARG A 126 -22.85 7.92 5.80
CA ARG A 126 -22.03 8.88 5.08
C ARG A 126 -23.01 9.60 4.15
N GLU A 127 -22.76 10.88 3.85
CA GLU A 127 -23.66 11.64 2.98
C GLU A 127 -23.16 11.62 1.54
N GLU A 128 -24.08 11.42 0.59
CA GLU A 128 -23.74 11.43 -0.83
C GLU A 128 -23.32 12.86 -1.16
N ASP A 129 -24.22 13.79 -0.84
CA ASP A 129 -24.01 15.22 -1.06
C ASP A 129 -25.16 16.01 -0.43
N ALA B 1 16.17 -20.49 -15.84
CA ALA B 1 14.72 -20.68 -15.61
C ALA B 1 14.01 -20.39 -16.93
N ASP B 2 12.69 -20.51 -16.92
CA ASP B 2 11.88 -20.25 -18.12
C ASP B 2 11.89 -18.76 -18.50
N THR B 3 10.77 -18.25 -18.98
CA THR B 3 10.73 -16.86 -19.36
C THR B 3 9.46 -16.13 -18.87
N LYS B 4 8.28 -16.55 -19.31
CA LYS B 4 7.02 -15.91 -18.91
C LYS B 4 6.79 -15.86 -17.40
N GLU B 5 7.15 -16.94 -16.72
CA GLU B 5 6.98 -17.02 -15.29
C GLU B 5 7.90 -16.06 -14.52
N VAL B 6 9.16 -15.94 -14.94
CA VAL B 6 10.08 -15.03 -14.28
C VAL B 6 9.69 -13.61 -14.65
N LEU B 7 9.31 -13.44 -15.92
CA LEU B 7 8.90 -12.15 -16.43
C LEU B 7 7.67 -11.66 -15.68
N GLU B 8 6.79 -12.58 -15.31
CA GLU B 8 5.56 -12.23 -14.57
C GLU B 8 5.92 -11.78 -13.16
N ALA B 9 6.89 -12.47 -12.55
CA ALA B 9 7.32 -12.17 -11.20
C ALA B 9 8.02 -10.83 -11.04
N ARG B 10 8.90 -10.47 -11.97
CA ARG B 10 9.55 -9.18 -11.79
C ARG B 10 8.64 -8.03 -12.17
N GLU B 11 7.60 -8.32 -12.95
CA GLU B 11 6.64 -7.29 -13.31
C GLU B 11 5.81 -6.98 -12.07
N ALA B 12 5.37 -8.04 -11.38
CA ALA B 12 4.58 -7.86 -10.17
C ALA B 12 5.46 -7.19 -9.12
N TYR B 13 6.76 -7.45 -9.21
CA TYR B 13 7.70 -6.83 -8.29
C TYR B 13 7.80 -5.31 -8.59
N PHE B 14 8.27 -4.94 -9.77
CA PHE B 14 8.40 -3.53 -10.10
C PHE B 14 7.12 -2.71 -10.03
N LYS B 15 5.98 -3.33 -10.32
CA LYS B 15 4.67 -2.64 -10.26
C LYS B 15 4.35 -2.35 -8.80
N SER B 16 4.79 -3.24 -7.90
CA SER B 16 4.56 -3.07 -6.48
C SER B 16 5.36 -1.89 -5.96
N LEU B 17 6.63 -1.83 -6.33
CA LEU B 17 7.53 -0.75 -5.91
C LEU B 17 7.05 0.57 -6.46
N GLY B 18 6.71 0.61 -7.74
CA GLY B 18 6.25 1.85 -8.34
C GLY B 18 5.08 2.44 -7.59
N GLY B 19 4.09 1.60 -7.32
CA GLY B 19 2.92 2.04 -6.57
C GLY B 19 3.27 2.48 -5.16
N SER B 20 4.28 1.86 -4.56
CA SER B 20 4.70 2.21 -3.20
C SER B 20 5.30 3.61 -3.23
N MET B 21 6.33 3.78 -4.06
CA MET B 21 7.00 5.06 -4.23
C MET B 21 5.97 6.15 -4.43
N LYS B 22 5.03 5.91 -5.34
CA LYS B 22 3.96 6.85 -5.64
C LYS B 22 3.19 7.23 -4.38
N ALA B 23 2.71 6.23 -3.67
CA ALA B 23 1.95 6.49 -2.47
C ALA B 23 2.80 7.18 -1.41
N MET B 24 4.11 6.94 -1.42
CA MET B 24 4.96 7.57 -0.40
C MET B 24 5.32 9.02 -0.67
N THR B 25 5.38 9.39 -1.95
CA THR B 25 5.68 10.77 -2.35
C THR B 25 4.54 11.65 -1.84
N GLY B 26 3.32 11.15 -1.93
CA GLY B 26 2.17 11.90 -1.44
C GLY B 26 2.17 11.98 0.08
N VAL B 27 2.54 10.88 0.74
CA VAL B 27 2.58 10.88 2.19
C VAL B 27 3.62 11.90 2.63
N ALA B 28 4.73 11.99 1.90
CA ALA B 28 5.80 12.94 2.21
C ALA B 28 5.34 14.41 2.08
N LYS B 29 4.30 14.66 1.30
CA LYS B 29 3.78 16.01 1.14
C LYS B 29 2.77 16.41 2.23
N ALA B 30 2.20 15.43 2.93
CA ALA B 30 1.23 15.70 3.98
C ALA B 30 1.46 14.57 4.98
N PHE B 31 2.61 14.63 5.63
CA PHE B 31 3.00 13.59 6.55
C PHE B 31 2.06 13.26 7.67
N ASP B 32 1.64 12.00 7.68
CA ASP B 32 0.75 11.47 8.71
C ASP B 32 1.50 10.22 9.13
N ALA B 33 1.90 10.17 10.39
CA ALA B 33 2.65 9.04 10.91
C ALA B 33 2.00 7.70 10.69
N GLU B 34 0.67 7.65 10.83
CA GLU B 34 -0.05 6.39 10.66
C GLU B 34 -0.05 5.85 9.22
N ALA B 35 -0.24 6.73 8.25
CA ALA B 35 -0.24 6.35 6.85
C ALA B 35 1.20 6.02 6.40
N ALA B 36 2.16 6.71 7.00
CA ALA B 36 3.56 6.45 6.71
C ALA B 36 3.89 5.01 7.14
N LYS B 37 3.33 4.59 8.29
CA LYS B 37 3.58 3.25 8.81
C LYS B 37 2.94 2.22 7.91
N VAL B 38 1.70 2.48 7.50
CA VAL B 38 0.98 1.57 6.62
C VAL B 38 1.75 1.38 5.29
N GLU B 39 2.21 2.47 4.69
CA GLU B 39 2.99 2.38 3.45
C GLU B 39 4.33 1.67 3.62
N ALA B 40 4.98 1.89 4.78
CA ALA B 40 6.27 1.27 5.09
C ALA B 40 6.10 -0.22 5.31
N ALA B 41 5.02 -0.58 5.97
CA ALA B 41 4.69 -1.97 6.23
C ALA B 41 4.61 -2.68 4.86
N LYS B 42 4.00 -2.02 3.90
CA LYS B 42 3.92 -2.55 2.55
C LYS B 42 5.30 -2.58 1.92
N LEU B 43 6.07 -1.49 2.07
CA LEU B 43 7.41 -1.46 1.46
C LEU B 43 8.30 -2.55 2.03
N GLU B 44 8.18 -2.82 3.32
CA GLU B 44 8.98 -3.87 3.96
C GLU B 44 8.77 -5.22 3.30
N LYS B 45 7.51 -5.61 3.09
CA LYS B 45 7.22 -6.87 2.44
C LYS B 45 7.72 -6.93 1.00
N ILE B 46 7.49 -5.87 0.24
CA ILE B 46 7.96 -5.86 -1.15
C ILE B 46 9.47 -6.11 -1.15
N LEU B 47 10.18 -5.39 -0.27
CA LEU B 47 11.63 -5.53 -0.21
C LEU B 47 12.13 -6.85 0.32
N ALA B 48 11.23 -7.69 0.82
CA ALA B 48 11.66 -9.00 1.33
C ALA B 48 11.73 -9.96 0.17
N THR B 49 11.38 -9.48 -1.02
CA THR B 49 11.44 -10.28 -2.22
C THR B 49 12.91 -10.32 -2.65
N ASP B 50 13.40 -11.47 -3.09
CA ASP B 50 14.78 -11.54 -3.52
C ASP B 50 14.81 -11.38 -5.04
N VAL B 51 15.54 -10.37 -5.48
CA VAL B 51 15.65 -10.08 -6.90
C VAL B 51 16.49 -11.12 -7.63
N ALA B 52 17.33 -11.82 -6.86
CA ALA B 52 18.26 -12.82 -7.39
C ALA B 52 17.78 -13.72 -8.52
N PRO B 53 16.80 -14.58 -8.24
CA PRO B 53 16.30 -15.49 -9.28
C PRO B 53 15.43 -14.83 -10.35
N LEU B 54 15.19 -13.54 -10.21
CA LEU B 54 14.34 -12.82 -11.16
C LEU B 54 15.01 -12.35 -12.42
N PHE B 55 16.32 -12.52 -12.48
CA PHE B 55 17.08 -12.10 -13.65
C PHE B 55 17.92 -13.26 -14.16
N PRO B 56 17.26 -14.37 -14.53
CA PRO B 56 18.07 -15.48 -15.03
C PRO B 56 18.55 -15.12 -16.45
N ALA B 57 19.75 -15.57 -16.78
CA ALA B 57 20.32 -15.31 -18.09
C ALA B 57 19.31 -15.63 -19.20
N GLY B 58 19.34 -14.81 -20.25
CA GLY B 58 18.45 -15.00 -21.36
C GLY B 58 17.16 -14.22 -21.27
N THR B 59 17.04 -13.31 -20.31
CA THR B 59 15.80 -12.55 -20.19
C THR B 59 15.94 -11.05 -20.49
N SER B 60 16.83 -10.68 -21.39
CA SER B 60 16.99 -9.26 -21.70
C SER B 60 16.00 -8.87 -22.78
N SER B 61 15.84 -7.57 -22.99
CA SER B 61 14.93 -7.02 -24.00
C SER B 61 15.35 -7.43 -25.43
N THR B 62 16.57 -7.95 -25.55
CA THR B 62 17.08 -8.42 -26.82
C THR B 62 16.77 -9.90 -27.04
N ASP B 63 16.68 -10.67 -25.96
CA ASP B 63 16.33 -12.09 -26.09
C ASP B 63 14.82 -12.16 -26.22
N LEU B 64 14.14 -11.29 -25.49
CA LEU B 64 12.69 -11.24 -25.46
C LEU B 64 12.19 -9.84 -25.87
N PRO B 65 12.27 -9.48 -27.17
CA PRO B 65 11.85 -8.18 -27.73
C PRO B 65 10.44 -7.71 -27.35
N GLY B 66 10.36 -6.59 -26.66
CA GLY B 66 9.08 -6.06 -26.25
C GLY B 66 8.46 -6.71 -25.04
N GLN B 67 9.10 -7.73 -24.48
CA GLN B 67 8.55 -8.42 -23.33
C GLN B 67 9.12 -7.84 -22.06
N THR B 68 10.24 -7.13 -22.17
CA THR B 68 10.92 -6.58 -21.00
C THR B 68 11.83 -5.41 -21.36
N GLU B 69 12.24 -4.66 -20.34
CA GLU B 69 13.11 -3.51 -20.53
C GLU B 69 14.50 -3.77 -19.94
N ALA B 70 14.68 -4.93 -19.32
CA ALA B 70 15.96 -5.27 -18.74
C ALA B 70 17.07 -5.33 -19.79
N LYS B 71 18.05 -4.44 -19.67
CA LYS B 71 19.17 -4.41 -20.62
C LYS B 71 20.12 -5.61 -20.43
N ALA B 72 20.71 -6.07 -21.53
CA ALA B 72 21.64 -7.18 -21.49
C ALA B 72 22.92 -6.80 -20.72
N ALA B 73 23.09 -5.50 -20.49
CA ALA B 73 24.24 -4.99 -19.75
C ALA B 73 24.25 -5.61 -18.35
N ILE B 74 23.04 -5.82 -17.82
CA ILE B 74 22.85 -6.41 -16.49
C ILE B 74 23.74 -7.63 -16.29
N TRP B 75 23.59 -8.60 -17.19
CA TRP B 75 24.31 -9.84 -17.11
C TRP B 75 25.80 -9.70 -17.34
N ALA B 76 26.21 -8.51 -17.79
CA ALA B 76 27.61 -8.20 -18.03
C ALA B 76 28.21 -7.44 -16.84
N ASN B 77 27.35 -6.95 -15.95
CA ASN B 77 27.74 -6.18 -14.76
C ASN B 77 26.95 -6.65 -13.53
N MET B 78 26.84 -7.97 -13.38
CA MET B 78 26.07 -8.56 -12.29
C MET B 78 26.35 -8.10 -10.86
N ASP B 79 27.61 -7.86 -10.52
CA ASP B 79 27.92 -7.42 -9.17
C ASP B 79 27.48 -5.98 -8.90
N ASP B 80 27.53 -5.13 -9.93
CA ASP B 80 27.13 -3.74 -9.80
C ASP B 80 25.61 -3.69 -9.74
N PHE B 81 24.98 -4.62 -10.43
CA PHE B 81 23.53 -4.72 -10.43
C PHE B 81 23.11 -5.10 -9.01
N GLY B 82 23.79 -6.09 -8.45
CA GLY B 82 23.52 -6.54 -7.10
C GLY B 82 23.80 -5.43 -6.10
N ALA B 83 24.89 -4.72 -6.28
CA ALA B 83 25.26 -3.63 -5.38
C ALA B 83 24.16 -2.57 -5.43
N LYS B 84 23.69 -2.24 -6.63
CA LYS B 84 22.63 -1.24 -6.77
C LYS B 84 21.34 -1.72 -6.12
N GLY B 85 21.15 -3.04 -6.07
CA GLY B 85 19.98 -3.61 -5.43
C GLY B 85 20.08 -3.54 -3.90
N LYS B 86 21.27 -3.75 -3.36
CA LYS B 86 21.48 -3.68 -1.92
C LYS B 86 21.37 -2.24 -1.44
N ALA B 87 21.84 -1.30 -2.26
CA ALA B 87 21.75 0.12 -1.96
C ALA B 87 20.29 0.47 -1.70
N MET B 88 19.39 -0.04 -2.54
CA MET B 88 17.94 0.21 -2.42
C MET B 88 17.36 -0.41 -1.17
N HIS B 89 17.81 -1.60 -0.82
CA HIS B 89 17.34 -2.23 0.39
C HIS B 89 17.73 -1.38 1.59
N GLU B 90 19.01 -0.99 1.63
CA GLU B 90 19.53 -0.16 2.71
C GLU B 90 18.69 1.13 2.75
N ALA B 91 18.47 1.76 1.59
CA ALA B 91 17.66 3.00 1.53
C ALA B 91 16.24 2.78 2.02
N GLY B 92 15.69 1.62 1.72
CA GLY B 92 14.34 1.29 2.15
C GLY B 92 14.17 1.23 3.66
N GLY B 93 15.09 0.58 4.36
CA GLY B 93 14.99 0.46 5.81
C GLY B 93 15.03 1.83 6.46
N ALA B 94 15.75 2.75 5.84
CA ALA B 94 15.84 4.07 6.40
C ALA B 94 14.48 4.73 6.33
N VAL B 95 13.71 4.41 5.30
CA VAL B 95 12.38 4.98 5.14
C VAL B 95 11.42 4.37 6.15
N ILE B 96 11.48 3.04 6.29
CA ILE B 96 10.64 2.27 7.20
C ILE B 96 10.89 2.78 8.62
N ALA B 97 12.18 2.93 8.95
CA ALA B 97 12.66 3.42 10.23
C ALA B 97 12.20 4.85 10.49
N ALA B 98 12.19 5.68 9.46
CA ALA B 98 11.76 7.09 9.59
C ALA B 98 10.28 7.16 9.92
N ALA B 99 9.48 6.42 9.15
CA ALA B 99 8.04 6.37 9.32
C ALA B 99 7.59 5.88 10.70
N ASN B 100 8.28 4.88 11.22
CA ASN B 100 7.91 4.34 12.52
C ASN B 100 8.32 5.28 13.65
N ALA B 101 9.29 6.15 13.36
CA ALA B 101 9.75 7.15 14.31
C ALA B 101 8.76 8.29 14.29
N GLY B 102 7.91 8.30 13.29
CA GLY B 102 6.91 9.35 13.18
C GLY B 102 7.54 10.68 12.82
N ASP B 103 8.75 10.64 12.27
CA ASP B 103 9.50 11.86 11.89
C ASP B 103 9.28 12.28 10.44
N GLY B 104 8.57 13.39 10.26
CA GLY B 104 8.29 13.88 8.93
C GLY B 104 9.53 14.22 8.11
N ALA B 105 10.43 15.01 8.66
CA ALA B 105 11.65 15.41 7.97
C ALA B 105 12.41 14.19 7.51
N ALA B 106 12.73 13.34 8.47
CA ALA B 106 13.46 12.10 8.19
C ALA B 106 12.82 11.29 7.07
N PHE B 107 11.49 11.16 7.11
CA PHE B 107 10.77 10.41 6.10
C PHE B 107 11.04 11.04 4.73
N GLY B 108 10.96 12.37 4.65
CA GLY B 108 11.24 13.08 3.41
C GLY B 108 12.67 12.93 2.86
N ALA B 109 13.67 13.05 3.72
CA ALA B 109 15.06 12.89 3.29
C ALA B 109 15.34 11.45 2.85
N ALA B 110 14.83 10.50 3.63
CA ALA B 110 15.02 9.08 3.34
C ALA B 110 14.38 8.72 2.01
N LEU B 111 13.19 9.24 1.75
CA LEU B 111 12.46 8.96 0.49
C LEU B 111 13.28 9.47 -0.68
N GLN B 112 13.82 10.66 -0.51
CA GLN B 112 14.65 11.31 -1.52
C GLN B 112 15.84 10.38 -1.88
N LYS B 113 16.40 9.69 -0.88
CA LYS B 113 17.51 8.77 -1.10
C LYS B 113 17.05 7.49 -1.81
N LEU B 114 15.97 6.88 -1.32
CA LEU B 114 15.44 5.67 -1.95
C LEU B 114 15.19 5.98 -3.43
N GLY B 115 14.57 7.13 -3.69
CA GLY B 115 14.28 7.54 -5.04
C GLY B 115 15.52 7.49 -5.90
N GLY B 116 16.63 7.99 -5.39
CA GLY B 116 17.86 7.97 -6.15
C GLY B 116 18.40 6.58 -6.50
N THR B 117 18.20 5.60 -5.61
CA THR B 117 18.71 4.27 -5.88
C THR B 117 17.93 3.63 -7.04
N CYS B 118 16.69 4.07 -7.23
CA CYS B 118 15.85 3.56 -8.31
C CYS B 118 16.47 4.05 -9.58
N LYS B 119 16.65 5.38 -9.63
CA LYS B 119 17.25 6.07 -10.76
C LYS B 119 18.64 5.52 -11.13
N ALA B 120 19.51 5.38 -10.14
CA ALA B 120 20.88 4.88 -10.36
C ALA B 120 20.91 3.56 -11.14
N CYS B 121 19.97 2.69 -10.87
CA CYS B 121 19.91 1.40 -11.54
C CYS B 121 19.29 1.49 -12.93
N HIS B 122 18.12 2.11 -12.99
CA HIS B 122 17.40 2.26 -14.24
C HIS B 122 18.26 2.94 -15.28
N ASP B 123 19.11 3.87 -14.84
CA ASP B 123 19.95 4.60 -15.77
C ASP B 123 20.88 3.71 -16.56
N ASP B 124 21.51 2.79 -15.85
CA ASP B 124 22.43 1.86 -16.46
C ASP B 124 21.83 0.59 -16.95
N TYR B 125 20.73 0.16 -16.34
CA TYR B 125 20.16 -1.13 -16.67
C TYR B 125 18.79 -1.33 -17.25
N ARG B 126 18.06 -0.28 -17.57
CA ARG B 126 16.77 -0.50 -18.18
C ARG B 126 16.53 0.55 -19.24
N GLU B 127 15.87 0.13 -20.31
CA GLU B 127 15.57 1.03 -21.40
C GLU B 127 14.12 1.41 -21.37
N GLU B 128 13.68 2.14 -22.39
CA GLU B 128 12.30 2.57 -22.55
C GLU B 128 12.22 3.39 -23.83
N ASP B 129 11.01 3.58 -24.36
CA ASP B 129 10.84 4.32 -25.60
C ASP B 129 9.48 5.03 -25.66
CHA HEM C . -15.65 8.11 4.47
CHB HEM C . -13.73 4.22 2.33
CHC HEM C . -15.66 1.48 5.67
CHD HEM C . -17.90 5.20 7.66
C1A HEM C . -15.03 7.30 3.51
C2A HEM C . -14.35 7.74 2.34
C3A HEM C . -13.72 6.64 1.83
C4A HEM C . -14.09 5.53 2.62
CMA HEM C . -12.64 6.61 0.76
CAA HEM C . -14.02 9.11 1.91
CBA HEM C . -15.08 10.14 1.67
CGA HEM C . -15.62 10.13 0.25
O1A HEM C . -14.87 10.53 -0.68
O2A HEM C . -16.79 9.74 0.06
C1B HEM C . -14.03 3.15 3.09
C2B HEM C . -13.66 1.78 2.78
C3B HEM C . -14.24 0.98 3.69
C4B HEM C . -14.92 1.90 4.61
CMB HEM C . -12.98 1.27 1.55
CAB HEM C . -14.20 -0.56 3.72
CBB HEM C . -12.79 -1.16 3.77
C1C HEM C . -16.45 2.26 6.47
C2C HEM C . -17.05 1.74 7.68
C3C HEM C . -17.67 2.80 8.28
C4C HEM C . -17.34 3.96 7.44
CMC HEM C . -16.91 0.37 8.29
CAC HEM C . -18.72 2.86 9.42
CBC HEM C . -18.48 1.96 10.62
C1D HEM C . -17.57 6.30 6.91
C2D HEM C . -17.92 7.63 7.31
C3D HEM C . -17.20 8.45 6.47
C4D HEM C . -16.43 7.63 5.56
CMD HEM C . -18.93 8.01 8.42
CAD HEM C . -17.19 9.98 6.41
CBD HEM C . -16.10 10.59 7.26
CGD HEM C . -15.91 12.07 6.99
O1D HEM C . -16.27 12.53 5.88
O2D HEM C . -15.42 12.78 7.90
NA HEM C . -14.91 5.93 3.66
NB HEM C . -14.81 3.24 4.20
NC HEM C . -16.57 3.64 6.34
ND HEM C . -16.65 6.29 5.86
FE HEM C . -15.73 4.82 4.98
C NBN D . -14.19 5.21 6.11
N NBN D . -13.60 5.61 7.03
C1 NBN D . -13.13 6.14 8.32
C2 NBN D . -13.98 5.60 9.46
C3 NBN D . -13.80 4.07 9.59
C4 NBN D . -14.72 3.46 10.65
CHA HEM E . 11.53 -1.59 -14.16
CHB HEM E . 10.04 1.06 -10.35
CHC HEM E . 14.37 0.37 -8.39
CHD HEM E . 15.85 -2.29 -12.12
C1A HEM E . 10.76 -0.78 -13.30
C2A HEM E . 9.42 -0.32 -13.59
C3A HEM E . 9.02 0.38 -12.49
C4A HEM E . 10.09 0.39 -11.56
CMA HEM E . 7.72 1.15 -12.30
CAA HEM E . 8.63 -0.53 -14.87
CBA HEM E . 9.18 -0.11 -16.26
CGA HEM E . 9.00 1.39 -16.60
O1A HEM E . 9.71 1.89 -17.52
O2A HEM E . 8.15 2.05 -15.97
C1B HEM E . 11.09 1.10 -9.48
C2B HEM E . 11.15 1.96 -8.33
C3B HEM E . 12.37 1.75 -7.75
C4B HEM E . 13.05 0.77 -8.60
CMB HEM E . 10.19 3.04 -7.92
CAB HEM E . 13.03 2.34 -6.48
CBB HEM E . 12.32 2.03 -5.18
C1C HEM E . 15.17 -0.33 -9.24
C2C HEM E . 16.52 -0.72 -8.87
C3C HEM E . 16.98 -1.58 -9.91
C4C HEM E . 15.82 -1.63 -10.89
CMC HEM E . 17.25 -0.26 -7.63
CAC HEM E . 18.38 -2.19 -10.18
CBC HEM E . 19.17 -2.60 -8.97
C1D HEM E . 14.84 -2.29 -13.04
C2D HEM E . 14.90 -2.90 -14.34
C3D HEM E . 13.62 -2.82 -14.88
C4D HEM E . 12.84 -2.01 -13.95
CMD HEM E . 16.19 -3.46 -14.96
CAD HEM E . 13.03 -3.55 -16.11
CBD HEM E . 12.29 -4.82 -15.71
CGD HEM E . 11.60 -5.52 -16.88
O1D HEM E . 11.02 -4.82 -17.76
O2D HEM E . 11.61 -6.78 -16.89
NA HEM E . 11.20 -0.33 -12.04
NB HEM E . 12.29 0.42 -9.69
NC HEM E . 14.74 -0.89 -10.43
ND HEM E . 13.60 -1.69 -12.81
FE HEM E . 13.01 -0.61 -11.23
C NBN F . 12.51 -2.25 -10.40
N NBN F . 12.41 -3.30 -9.93
C1 NBN F . 12.42 -4.67 -9.37
C2 NBN F . 13.85 -5.22 -9.37
C3 NBN F . 14.76 -4.43 -8.41
C4 NBN F . 16.22 -4.89 -8.48
#